data_4U0P
#
_entry.id   4U0P
#
_cell.length_a   71.090
_cell.length_b   161.130
_cell.length_c   59.470
_cell.angle_alpha   90.000
_cell.angle_beta   90.000
_cell.angle_gamma   90.000
#
_symmetry.space_group_name_H-M   'C 2 2 21'
#
loop_
_entity.id
_entity.type
_entity.pdbx_description
1 polymer 'Lipoyl synthase 2'
2 non-polymer 'IRON/SULFUR CLUSTER'
3 non-polymer S-ADENOSYL-L-HOMOCYSTEINE
4 non-polymer 'SODIUM ION'
5 water water
#
_entity_poly.entity_id   1
_entity_poly.type   'polypeptide(L)'
_entity_poly.pdbx_seq_one_letter_code
;MALSRPLPSWLRKPLGKASEISTVQRLVRQYGIHTICEEGRCPNRGECYGQKTATFLLLGPTCTRACAFCQVEKGHAPAA
VDPEEPTKIAAAVATLGLRYVVLTSVARDDLPDQGAGQFVATMAAIRQRCPGTEIEVLSPDFRMDRGRLSQRDCIAQIVA
AQPACYNHNLETVRRLQGPVRRGATYESSLRVLATVKELNPDIPTKSGLMLGLGETEAEIIETLKDLRRVGCDRLTLGQY
LPPSLSHLPVVKYWTPEEFNTLGNIARELGFSHVRSGPLVRSSYHAAEGGHHHHHH
;
_entity_poly.pdbx_strand_id   B
#
loop_
_chem_comp.id
_chem_comp.type
_chem_comp.name
_chem_comp.formula
NA non-polymer 'SODIUM ION' 'Na 1'
SAH non-polymer S-ADENOSYL-L-HOMOCYSTEINE 'C14 H20 N6 O5 S'
SF4 non-polymer 'IRON/SULFUR CLUSTER' 'Fe4 S4'
#
# COMPACT_ATOMS: atom_id res chain seq x y z
N ARG A 5 -19.64 -15.75 10.05
CA ARG A 5 -18.89 -14.85 9.17
C ARG A 5 -18.94 -15.25 7.67
N PRO A 6 -20.00 -15.91 7.19
CA PRO A 6 -19.98 -16.23 5.75
C PRO A 6 -19.93 -14.98 4.86
N LEU A 7 -19.51 -15.17 3.61
CA LEU A 7 -19.30 -14.06 2.72
C LEU A 7 -20.60 -13.35 2.33
N PRO A 8 -20.69 -12.04 2.56
CA PRO A 8 -21.93 -11.36 2.19
C PRO A 8 -22.15 -11.24 0.69
N SER A 9 -23.39 -10.96 0.32
CA SER A 9 -23.79 -10.91 -1.08
C SER A 9 -22.99 -9.88 -1.87
N TRP A 10 -22.84 -8.68 -1.31
CA TRP A 10 -22.16 -7.61 -2.04
C TRP A 10 -20.74 -7.97 -2.39
N LEU A 11 -20.19 -8.97 -1.72
CA LEU A 11 -18.84 -9.40 -2.00
C LEU A 11 -18.74 -10.65 -2.87
N ARG A 12 -19.72 -11.54 -2.80
CA ARG A 12 -19.58 -12.78 -3.57
C ARG A 12 -19.46 -12.49 -5.05
N LYS A 13 -20.28 -11.58 -5.56
CA LYS A 13 -20.30 -11.29 -7.00
C LYS A 13 -18.97 -10.72 -7.51
N PRO A 14 -18.53 -9.57 -6.97
CA PRO A 14 -17.26 -9.03 -7.47
C PRO A 14 -16.05 -9.90 -7.17
N LEU A 15 -16.08 -10.71 -6.11
CA LEU A 15 -14.96 -11.61 -5.82
C LEU A 15 -14.87 -12.82 -6.74
N GLY A 16 -15.97 -13.16 -7.38
CA GLY A 16 -16.01 -14.27 -8.32
C GLY A 16 -15.93 -13.85 -9.78
N LYS A 17 -15.85 -12.56 -10.04
CA LYS A 17 -15.81 -12.07 -11.41
C LYS A 17 -14.40 -12.27 -11.97
N ALA A 18 -14.31 -12.56 -13.26
CA ALA A 18 -13.01 -12.59 -13.94
C ALA A 18 -13.05 -11.69 -15.16
N SER A 19 -11.86 -11.23 -15.57
CA SER A 19 -11.71 -10.26 -16.66
C SER A 19 -10.55 -10.67 -17.55
N GLU A 20 -10.49 -10.09 -18.75
CA GLU A 20 -9.37 -10.30 -19.64
C GLU A 20 -8.15 -9.53 -19.16
N ILE A 21 -7.19 -10.24 -18.57
CA ILE A 21 -5.97 -9.62 -18.02
C ILE A 21 -4.67 -10.37 -18.40
N SER A 22 -4.76 -11.29 -19.36
CA SER A 22 -3.67 -12.24 -19.59
C SER A 22 -2.37 -11.64 -20.11
N THR A 23 -2.46 -10.63 -20.96
CA THR A 23 -1.27 -9.97 -21.46
C THR A 23 -0.46 -9.39 -20.31
N VAL A 24 -1.14 -8.69 -19.40
CA VAL A 24 -0.43 -8.11 -18.27
C VAL A 24 0.24 -9.19 -17.42
N GLN A 25 -0.49 -10.28 -17.19
CA GLN A 25 0.04 -11.35 -16.32
C GLN A 25 1.33 -11.92 -16.91
N ARG A 26 1.30 -12.12 -18.21
CA ARG A 26 2.38 -12.79 -18.91
C ARG A 26 3.59 -11.89 -18.85
N LEU A 27 3.40 -10.60 -19.10
CA LEU A 27 4.55 -9.66 -19.18
C LEU A 27 5.23 -9.57 -17.85
N VAL A 28 4.43 -9.52 -16.79
CA VAL A 28 5.02 -9.36 -15.47
C VAL A 28 5.95 -10.54 -15.15
N ARG A 29 5.51 -11.74 -15.48
CA ARG A 29 6.29 -12.93 -15.20
C ARG A 29 7.50 -12.96 -16.09
N GLN A 30 7.30 -12.57 -17.34
CA GLN A 30 8.37 -12.59 -18.33
C GLN A 30 9.51 -11.68 -17.95
N TYR A 31 9.18 -10.52 -17.39
CA TYR A 31 10.17 -9.51 -17.06
C TYR A 31 10.82 -9.74 -15.68
N GLY A 32 10.39 -10.80 -14.98
CA GLY A 32 11.06 -11.25 -13.77
C GLY A 32 10.84 -10.36 -12.55
N ILE A 33 9.68 -9.72 -12.51
CA ILE A 33 9.37 -8.80 -11.42
C ILE A 33 8.03 -9.23 -10.80
N HIS A 34 7.58 -8.50 -9.77
CA HIS A 34 6.38 -8.90 -9.05
C HIS A 34 5.44 -7.73 -8.77
N THR A 35 4.14 -7.96 -8.92
CA THR A 35 3.16 -6.96 -8.50
C THR A 35 2.26 -7.49 -7.40
N ILE A 36 1.83 -6.58 -6.55
CA ILE A 36 0.82 -6.92 -5.54
C ILE A 36 -0.43 -7.44 -6.24
N CYS A 37 -0.76 -6.84 -7.37
CA CYS A 37 -1.96 -7.18 -8.13
C CYS A 37 -1.98 -8.68 -8.40
N GLU A 38 -0.87 -9.21 -8.87
CA GLU A 38 -0.75 -10.63 -9.17
C GLU A 38 -0.44 -11.50 -7.95
N GLU A 39 0.40 -11.05 -7.05
CA GLU A 39 0.74 -11.86 -5.89
C GLU A 39 -0.50 -12.14 -5.02
N GLY A 40 -1.47 -11.23 -5.04
CA GLY A 40 -2.69 -11.39 -4.27
C GLY A 40 -3.96 -11.63 -5.06
N ARG A 41 -3.85 -11.89 -6.37
CA ARG A 41 -5.00 -12.09 -7.23
C ARG A 41 -6.08 -11.05 -6.96
N CYS A 42 -5.69 -9.78 -6.98
CA CYS A 42 -6.58 -8.69 -6.62
C CYS A 42 -7.83 -8.63 -7.47
N PRO A 43 -8.98 -8.46 -6.81
CA PRO A 43 -10.22 -8.45 -7.57
C PRO A 43 -10.43 -7.19 -8.38
N ASN A 44 -9.56 -6.20 -8.20
CA ASN A 44 -9.66 -4.98 -8.97
C ASN A 44 -8.85 -4.95 -10.27
N ARG A 45 -8.17 -6.03 -10.59
CA ARG A 45 -7.27 -6.04 -11.73
C ARG A 45 -7.90 -5.61 -13.03
N GLY A 46 -9.13 -6.05 -13.31
CA GLY A 46 -9.73 -5.67 -14.57
C GLY A 46 -9.79 -4.16 -14.69
N GLU A 47 -10.25 -3.51 -13.63
CA GLU A 47 -10.44 -2.07 -13.64
C GLU A 47 -9.07 -1.33 -13.63
N CYS A 48 -8.18 -1.73 -12.74
CA CYS A 48 -6.89 -1.04 -12.68
C CYS A 48 -6.05 -1.23 -13.95
N TYR A 49 -5.94 -2.46 -14.43
CA TYR A 49 -5.12 -2.73 -15.60
C TYR A 49 -5.74 -1.92 -16.73
N GLY A 50 -7.07 -1.82 -16.69
CA GLY A 50 -7.77 -1.11 -17.75
C GLY A 50 -7.39 0.36 -17.72
N GLN A 51 -7.07 0.85 -16.53
CA GLN A 51 -6.73 2.26 -16.33
C GLN A 51 -5.21 2.50 -16.42
N LYS A 52 -4.49 1.45 -16.78
CA LYS A 52 -3.04 1.51 -16.95
C LYS A 52 -2.32 1.87 -15.67
N THR A 53 -2.73 1.22 -14.58
CA THR A 53 -2.03 1.33 -13.30
C THR A 53 -1.68 -0.05 -12.78
N ALA A 54 -0.66 -0.16 -11.95
CA ALA A 54 -0.36 -1.41 -11.29
C ALA A 54 0.48 -1.05 -10.05
N THR A 55 0.63 -2.01 -9.14
CA THR A 55 1.42 -1.83 -7.90
C THR A 55 2.55 -2.88 -7.88
N PHE A 56 3.79 -2.42 -7.93
CA PHE A 56 4.94 -3.32 -7.97
C PHE A 56 5.48 -3.51 -6.57
N LEU A 57 5.89 -4.73 -6.27
CA LEU A 57 6.47 -5.09 -4.98
C LEU A 57 7.97 -5.20 -5.13
N LEU A 58 8.67 -4.30 -4.47
CA LEU A 58 10.13 -4.36 -4.40
C LEU A 58 10.64 -5.25 -3.30
N LEU A 59 11.83 -5.80 -3.52
CA LEU A 59 12.65 -6.41 -2.48
C LEU A 59 12.09 -7.70 -1.91
N GLY A 60 11.16 -8.30 -2.65
CA GLY A 60 10.54 -9.55 -2.25
C GLY A 60 10.95 -10.68 -3.18
N PRO A 61 10.00 -11.54 -3.58
CA PRO A 61 8.56 -11.43 -3.39
C PRO A 61 8.04 -11.88 -2.03
N THR A 62 8.91 -12.38 -1.15
CA THR A 62 8.54 -12.82 0.18
C THR A 62 8.94 -11.81 1.25
N CYS A 63 8.26 -11.87 2.39
CA CYS A 63 8.60 -11.07 3.56
C CYS A 63 8.82 -11.98 4.74
N THR A 64 9.75 -11.63 5.61
CA THR A 64 9.98 -12.45 6.79
C THR A 64 9.07 -12.14 7.95
N ARG A 65 8.37 -10.99 7.94
CA ARG A 65 7.65 -10.54 9.14
C ARG A 65 6.38 -11.32 9.47
N ALA A 66 5.67 -11.79 8.44
CA ALA A 66 4.45 -12.57 8.65
C ALA A 66 3.35 -11.86 9.47
N CYS A 67 3.05 -10.62 9.12
CA CYS A 67 1.92 -9.91 9.71
C CYS A 67 0.67 -10.71 9.44
N ALA A 68 -0.18 -10.76 10.46
CA ALA A 68 -1.30 -11.67 10.44
C ALA A 68 -2.42 -11.29 9.49
N PHE A 69 -2.32 -10.13 8.84
CA PHE A 69 -3.31 -9.71 7.83
C PHE A 69 -2.83 -9.75 6.41
N CYS A 70 -1.52 -9.94 6.24
CA CYS A 70 -0.88 -9.64 4.98
C CYS A 70 -0.82 -10.81 4.01
N GLN A 71 -1.09 -10.50 2.75
CA GLN A 71 -1.13 -11.48 1.67
C GLN A 71 0.20 -11.85 1.04
N VAL A 72 1.25 -11.12 1.40
CA VAL A 72 2.60 -11.41 0.85
C VAL A 72 3.08 -12.76 1.37
N GLU A 73 3.67 -13.56 0.48
CA GLU A 73 4.13 -14.88 0.84
C GLU A 73 5.21 -14.79 1.92
N LYS A 74 5.12 -15.65 2.91
CA LYS A 74 6.08 -15.64 3.98
C LYS A 74 7.35 -16.33 3.51
N GLY A 75 8.48 -15.77 3.92
CA GLY A 75 9.80 -16.26 3.50
C GLY A 75 10.62 -16.68 4.70
N HIS A 76 11.49 -17.67 4.48
CA HIS A 76 12.29 -18.25 5.57
C HIS A 76 13.47 -17.34 5.96
N ALA A 77 13.84 -16.48 5.02
CA ALA A 77 14.98 -15.60 5.17
C ALA A 77 14.83 -14.46 4.17
N PRO A 78 15.58 -13.36 4.35
CA PRO A 78 15.39 -12.22 3.49
C PRO A 78 15.68 -12.56 2.04
N ALA A 79 14.79 -12.11 1.16
CA ALA A 79 14.95 -12.31 -0.27
C ALA A 79 16.22 -11.67 -0.77
N ALA A 80 16.98 -12.39 -1.59
CA ALA A 80 18.16 -11.80 -2.22
C ALA A 80 17.73 -10.57 -3.01
N VAL A 81 18.53 -9.51 -2.90
CA VAL A 81 18.29 -8.24 -3.60
C VAL A 81 18.77 -8.29 -5.05
N ASP A 82 17.88 -8.02 -5.99
CA ASP A 82 18.24 -7.98 -7.40
C ASP A 82 18.66 -6.56 -7.78
N PRO A 83 19.93 -6.35 -8.13
CA PRO A 83 20.40 -5.01 -8.50
C PRO A 83 19.81 -4.51 -9.82
N GLU A 84 19.26 -5.42 -10.62
CA GLU A 84 18.57 -5.04 -11.87
C GLU A 84 17.07 -4.85 -11.68
N GLU A 85 16.57 -5.02 -10.46
CA GLU A 85 15.12 -4.88 -10.22
C GLU A 85 14.62 -3.50 -10.71
N PRO A 86 15.34 -2.42 -10.41
CA PRO A 86 14.86 -1.09 -10.85
C PRO A 86 14.71 -0.96 -12.37
N THR A 87 15.69 -1.45 -13.12
CA THR A 87 15.63 -1.41 -14.55
C THR A 87 14.56 -2.30 -15.12
N LYS A 88 14.39 -3.48 -14.52
CA LYS A 88 13.36 -4.39 -14.99
C LYS A 88 11.98 -3.85 -14.77
N ILE A 89 11.75 -3.24 -13.61
CA ILE A 89 10.46 -2.60 -13.41
C ILE A 89 10.21 -1.49 -14.43
N ALA A 90 11.21 -0.66 -14.72
CA ALA A 90 11.02 0.44 -15.65
C ALA A 90 10.70 -0.10 -17.03
N ALA A 91 11.32 -1.21 -17.39
CA ALA A 91 11.05 -1.84 -18.69
C ALA A 91 9.60 -2.34 -18.73
N ALA A 92 9.10 -2.89 -17.63
CA ALA A 92 7.74 -3.39 -17.60
C ALA A 92 6.78 -2.21 -17.70
N VAL A 93 7.07 -1.13 -16.98
CA VAL A 93 6.23 0.05 -17.02
C VAL A 93 6.14 0.54 -18.45
N ALA A 94 7.26 0.55 -19.16
CA ALA A 94 7.28 1.04 -20.55
C ALA A 94 6.47 0.15 -21.49
N THR A 95 6.67 -1.16 -21.42
CA THR A 95 6.00 -2.10 -22.31
C THR A 95 4.51 -2.19 -22.01
N LEU A 96 4.12 -2.04 -20.74
CA LEU A 96 2.71 -2.08 -20.35
C LEU A 96 2.01 -0.74 -20.62
N GLY A 97 2.82 0.28 -20.87
CA GLY A 97 2.30 1.60 -21.07
C GLY A 97 1.56 2.16 -19.90
N LEU A 98 2.01 1.85 -18.69
CA LEU A 98 1.35 2.36 -17.52
C LEU A 98 1.45 3.88 -17.41
N ARG A 99 0.38 4.51 -16.95
CA ARG A 99 0.32 5.95 -16.69
C ARG A 99 0.57 6.31 -15.23
N TYR A 100 0.30 5.37 -14.34
CA TYR A 100 0.39 5.64 -12.91
C TYR A 100 0.91 4.36 -12.28
N VAL A 101 1.97 4.49 -11.48
CA VAL A 101 2.65 3.33 -10.93
C VAL A 101 2.70 3.52 -9.41
N VAL A 102 2.30 2.49 -8.67
CA VAL A 102 2.52 2.49 -7.22
C VAL A 102 3.69 1.56 -6.94
N LEU A 103 4.67 2.03 -6.15
CA LEU A 103 5.78 1.20 -5.71
C LEU A 103 5.59 0.90 -4.25
N THR A 104 5.74 -0.37 -3.87
CA THR A 104 5.75 -0.74 -2.45
C THR A 104 6.85 -1.75 -2.22
N SER A 105 7.08 -2.16 -0.98
CA SER A 105 8.09 -3.15 -0.71
C SER A 105 7.71 -3.93 0.51
N VAL A 106 8.40 -5.05 0.70
CA VAL A 106 8.31 -5.80 1.94
C VAL A 106 9.22 -5.10 2.96
N ALA A 107 9.05 -5.41 4.24
CA ALA A 107 9.96 -4.84 5.25
C ALA A 107 11.32 -5.51 5.09
N ARG A 108 12.40 -4.70 5.08
CA ARG A 108 13.75 -5.24 4.99
C ARG A 108 14.61 -4.78 6.16
N ASP A 109 14.36 -5.42 7.29
CA ASP A 109 15.07 -5.19 8.54
C ASP A 109 16.55 -5.46 8.39
N ASP A 110 16.89 -6.28 7.40
CA ASP A 110 18.25 -6.74 7.19
C ASP A 110 19.13 -5.78 6.41
N LEU A 111 18.55 -4.77 5.76
CA LEU A 111 19.36 -3.88 4.89
C LEU A 111 19.76 -2.58 5.58
N PRO A 112 21.01 -2.14 5.38
CA PRO A 112 21.43 -0.92 6.09
C PRO A 112 20.55 0.31 5.83
N ASP A 113 19.98 0.42 4.62
CA ASP A 113 19.10 1.55 4.33
C ASP A 113 17.63 1.14 4.33
N GLN A 114 17.36 -0.05 4.86
CA GLN A 114 16.01 -0.57 5.02
C GLN A 114 15.29 -0.66 3.69
N GLY A 115 16.06 -0.68 2.61
CA GLY A 115 15.55 -0.78 1.26
C GLY A 115 15.16 0.54 0.62
N ALA A 116 15.38 1.64 1.30
CA ALA A 116 14.99 2.93 0.76
C ALA A 116 15.64 3.30 -0.58
N GLY A 117 16.90 2.92 -0.80
CA GLY A 117 17.56 3.18 -2.05
C GLY A 117 16.93 2.50 -3.25
N GLN A 118 16.30 1.35 -3.02
CA GLN A 118 15.66 0.60 -4.09
C GLN A 118 14.48 1.39 -4.64
N PHE A 119 13.73 2.05 -3.76
CA PHE A 119 12.68 2.96 -4.20
C PHE A 119 13.26 4.08 -5.05
N VAL A 120 14.30 4.73 -4.57
CA VAL A 120 14.88 5.85 -5.29
C VAL A 120 15.39 5.41 -6.66
N ALA A 121 16.04 4.26 -6.72
CA ALA A 121 16.59 3.79 -7.99
C ALA A 121 15.48 3.46 -8.96
N THR A 122 14.41 2.88 -8.44
CA THR A 122 13.31 2.47 -9.34
C THR A 122 12.61 3.70 -9.90
N MET A 123 12.43 4.71 -9.08
CA MET A 123 11.80 5.94 -9.48
C MET A 123 12.65 6.60 -10.57
N ALA A 124 13.95 6.59 -10.39
CA ALA A 124 14.87 7.18 -11.37
C ALA A 124 14.79 6.43 -12.68
N ALA A 125 14.78 5.09 -12.61
CA ALA A 125 14.72 4.28 -13.84
C ALA A 125 13.42 4.51 -14.61
N ILE A 126 12.30 4.60 -13.90
CA ILE A 126 11.02 4.88 -14.53
C ILE A 126 11.01 6.27 -15.17
N ARG A 127 11.53 7.28 -14.49
CA ARG A 127 11.49 8.65 -15.02
C ARG A 127 12.35 8.76 -16.27
N GLN A 128 13.39 7.97 -16.37
CA GLN A 128 14.29 8.17 -17.51
C GLN A 128 13.75 7.43 -18.73
N ARG A 129 12.95 6.39 -18.49
CA ARG A 129 12.37 5.57 -19.57
C ARG A 129 10.91 5.85 -19.96
N CYS A 130 10.11 6.40 -19.04
CA CYS A 130 8.65 6.47 -19.22
C CYS A 130 8.05 7.86 -19.04
N PRO A 131 7.89 8.60 -20.16
CA PRO A 131 7.45 9.99 -20.00
C PRO A 131 6.02 10.13 -19.54
N GLY A 132 5.84 10.96 -18.51
CA GLY A 132 4.53 11.30 -18.05
C GLY A 132 4.02 10.35 -16.98
N THR A 133 4.73 9.25 -16.73
CA THR A 133 4.26 8.26 -15.74
C THR A 133 4.50 8.83 -14.38
N GLU A 134 3.45 8.91 -13.59
CA GLU A 134 3.53 9.39 -12.23
C GLU A 134 3.77 8.20 -11.33
N ILE A 135 4.38 8.48 -10.19
CA ILE A 135 4.77 7.43 -9.27
C ILE A 135 4.32 7.74 -7.86
N GLU A 136 3.57 6.82 -7.26
CA GLU A 136 3.14 6.87 -5.85
C GLU A 136 3.98 5.84 -5.10
N VAL A 137 4.37 6.17 -3.87
CA VAL A 137 5.09 5.25 -3.01
C VAL A 137 4.19 4.82 -1.87
N LEU A 138 4.08 3.51 -1.65
CA LEU A 138 3.42 2.93 -0.48
C LEU A 138 4.52 2.38 0.37
N SER A 139 4.85 3.16 1.37
CA SER A 139 6.09 3.01 2.09
C SER A 139 6.00 2.07 3.31
N PRO A 140 7.05 1.26 3.57
CA PRO A 140 7.28 0.68 4.91
C PRO A 140 7.43 1.79 5.94
N ASP A 141 7.46 1.43 7.22
CA ASP A 141 7.61 2.47 8.25
C ASP A 141 9.06 2.87 8.50
N PHE A 142 9.97 1.99 8.12
CA PHE A 142 11.42 2.20 8.31
C PHE A 142 11.77 2.36 9.78
N ARG A 143 10.99 1.72 10.63
CA ARG A 143 11.09 1.98 12.09
C ARG A 143 12.25 1.32 12.79
N MET A 144 12.73 0.21 12.25
CA MET A 144 13.79 -0.59 12.87
C MET A 144 15.15 -0.06 12.47
N ASP A 145 15.46 1.11 13.01
CA ASP A 145 16.58 1.88 12.50
C ASP A 145 17.83 1.93 13.40
N ARG A 146 17.88 1.07 14.43
CA ARG A 146 19.07 1.08 15.29
C ARG A 146 20.31 0.64 14.53
N GLY A 147 21.27 1.55 14.39
CA GLY A 147 22.48 1.30 13.62
C GLY A 147 22.24 1.32 12.12
N ARG A 148 21.06 1.78 11.71
CA ARG A 148 20.70 1.89 10.31
C ARG A 148 20.60 3.34 9.96
N LEU A 149 20.28 3.59 8.70
CA LEU A 149 19.88 4.90 8.30
C LEU A 149 18.60 5.13 9.11
N SER A 150 18.48 6.31 9.71
CA SER A 150 17.30 6.61 10.51
C SER A 150 15.98 6.59 9.73
N GLN A 151 14.89 6.41 10.47
CA GLN A 151 13.59 6.46 9.86
C GLN A 151 13.41 7.73 9.06
N ARG A 152 13.83 8.84 9.65
CA ARG A 152 13.72 10.12 8.98
C ARG A 152 14.51 10.19 7.69
N ASP A 153 15.75 9.71 7.68
CA ASP A 153 16.56 9.77 6.48
C ASP A 153 16.13 8.80 5.37
N CYS A 154 15.56 7.65 5.74
CA CYS A 154 14.96 6.75 4.74
C CYS A 154 13.82 7.49 4.02
N ILE A 155 12.95 8.10 4.82
CA ILE A 155 11.85 8.89 4.27
C ILE A 155 12.36 10.04 3.39
N ALA A 156 13.40 10.72 3.87
CA ALA A 156 13.93 11.85 3.16
C ALA A 156 14.48 11.49 1.79
N GLN A 157 15.10 10.32 1.68
CA GLN A 157 15.61 9.87 0.40
C GLN A 157 14.49 9.72 -0.61
N ILE A 158 13.39 9.13 -0.15
CA ILE A 158 12.26 8.97 -1.02
C ILE A 158 11.55 10.29 -1.31
N VAL A 159 11.39 11.14 -0.32
CA VAL A 159 10.72 12.42 -0.50
C VAL A 159 11.52 13.28 -1.49
N ALA A 160 12.82 13.11 -1.45
CA ALA A 160 13.73 13.86 -2.35
C ALA A 160 13.49 13.48 -3.82
N ALA A 161 12.95 12.30 -4.07
CA ALA A 161 12.63 11.84 -5.43
C ALA A 161 11.24 12.27 -5.90
N GLN A 162 10.59 13.09 -5.09
CA GLN A 162 9.34 13.75 -5.44
C GLN A 162 8.24 12.82 -5.95
N PRO A 163 7.82 11.87 -5.09
CA PRO A 163 6.71 11.04 -5.55
C PRO A 163 5.45 11.88 -5.73
N ALA A 164 4.52 11.43 -6.56
CA ALA A 164 3.23 12.10 -6.73
C ALA A 164 2.37 12.03 -5.47
N CYS A 165 2.60 11.00 -4.67
CA CYS A 165 1.87 10.81 -3.43
C CYS A 165 2.73 9.88 -2.57
N TYR A 166 2.78 10.18 -1.28
CA TYR A 166 3.46 9.34 -0.28
C TYR A 166 2.41 8.70 0.63
N ASN A 167 2.23 7.38 0.49
CA ASN A 167 1.19 6.61 1.17
C ASN A 167 1.86 5.75 2.22
N HIS A 168 1.37 5.83 3.45
CA HIS A 168 1.80 4.90 4.47
C HIS A 168 0.55 4.53 5.27
N ASN A 169 0.20 3.25 5.18
CA ASN A 169 -1.02 2.77 5.85
C ASN A 169 -0.88 2.51 7.34
N LEU A 170 -1.88 2.94 8.09
CA LEU A 170 -1.97 2.58 9.50
C LEU A 170 -2.56 1.19 9.72
N GLU A 171 -3.38 0.78 8.75
CA GLU A 171 -3.99 -0.54 8.61
C GLU A 171 -5.14 -0.73 9.57
N THR A 172 -4.94 -0.34 10.80
CA THR A 172 -6.01 -0.50 11.85
C THR A 172 -5.90 0.56 12.94
N VAL A 173 -6.86 0.56 13.86
CA VAL A 173 -6.90 1.54 14.94
C VAL A 173 -5.84 1.22 15.96
N ARG A 174 -5.60 2.16 16.88
CA ARG A 174 -4.57 2.02 17.90
C ARG A 174 -4.64 0.71 18.67
N ARG A 175 -5.85 0.37 19.16
CA ARG A 175 -6.01 -0.83 19.95
C ARG A 175 -5.53 -2.11 19.32
N LEU A 176 -5.65 -2.19 17.99
CA LEU A 176 -5.39 -3.45 17.31
C LEU A 176 -4.02 -3.49 16.63
N GLN A 177 -3.19 -2.48 16.85
CA GLN A 177 -1.84 -2.45 16.21
C GLN A 177 -1.03 -3.68 16.61
N GLY A 178 -1.10 -4.06 17.89
CA GLY A 178 -0.36 -5.21 18.38
C GLY A 178 -0.60 -6.53 17.65
N PRO A 179 -1.85 -7.02 17.65
CA PRO A 179 -2.22 -8.29 17.00
C PRO A 179 -2.25 -8.24 15.48
N VAL A 180 -2.49 -7.07 14.89
CA VAL A 180 -2.67 -7.00 13.47
C VAL A 180 -1.31 -6.90 12.75
N ARG A 181 -0.42 -6.09 13.30
CA ARG A 181 0.84 -5.74 12.62
C ARG A 181 2.01 -6.26 13.45
N ARG A 182 3.12 -6.56 12.83
CA ARG A 182 4.30 -6.95 13.59
C ARG A 182 5.38 -5.94 13.31
N GLY A 183 6.01 -5.47 14.37
CA GLY A 183 7.13 -4.57 14.26
C GLY A 183 6.71 -3.14 13.98
N ALA A 184 5.40 -2.91 13.89
CA ALA A 184 4.87 -1.59 13.63
C ALA A 184 4.23 -1.04 14.90
N THR A 185 4.15 0.28 14.99
CA THR A 185 3.38 0.93 16.03
C THR A 185 2.55 2.08 15.48
N TYR A 186 1.50 2.40 16.23
CA TYR A 186 0.63 3.51 15.86
C TYR A 186 1.40 4.83 15.75
N GLU A 187 2.16 5.16 16.76
CA GLU A 187 2.87 6.44 16.75
C GLU A 187 3.96 6.51 15.69
N SER A 188 4.65 5.41 15.45
CA SER A 188 5.69 5.39 14.40
C SER A 188 5.09 5.61 13.04
N SER A 189 3.98 4.96 12.78
CA SER A 189 3.31 5.14 11.50
C SER A 189 2.76 6.56 11.33
N LEU A 190 2.22 7.15 12.37
CA LEU A 190 1.76 8.54 12.24
C LEU A 190 2.99 9.43 12.01
N ARG A 191 4.08 9.08 12.66
CA ARG A 191 5.30 9.87 12.51
C ARG A 191 5.81 9.83 11.06
N VAL A 192 5.63 8.71 10.36
CA VAL A 192 6.02 8.67 8.94
C VAL A 192 5.35 9.79 8.17
N LEU A 193 4.03 9.88 8.31
CA LEU A 193 3.23 10.85 7.64
C LEU A 193 3.55 12.30 8.02
N ALA A 194 3.80 12.53 9.30
CA ALA A 194 4.16 13.87 9.77
C ALA A 194 5.53 14.27 9.17
N THR A 195 6.43 13.31 9.10
CA THR A 195 7.81 13.57 8.70
C THR A 195 7.79 13.99 7.26
N VAL A 196 6.93 13.38 6.44
CA VAL A 196 6.90 13.76 5.05
C VAL A 196 6.53 15.23 4.90
N LYS A 197 5.56 15.68 5.68
CA LYS A 197 5.08 17.07 5.61
C LYS A 197 6.15 18.04 6.14
N GLU A 198 6.94 17.62 7.12
CA GLU A 198 8.08 18.44 7.59
C GLU A 198 9.13 18.60 6.49
N LEU A 199 9.39 17.52 5.76
CA LEU A 199 10.42 17.53 4.73
C LEU A 199 9.99 18.28 3.47
N ASN A 200 8.72 18.19 3.13
CA ASN A 200 8.20 18.89 1.97
C ASN A 200 6.70 18.92 2.02
N PRO A 201 6.12 20.02 2.49
CA PRO A 201 4.67 20.08 2.69
C PRO A 201 3.89 19.94 1.39
N ASP A 202 4.55 20.03 0.23
CA ASP A 202 3.85 19.98 -1.04
C ASP A 202 3.62 18.54 -1.54
N ILE A 203 4.18 17.55 -0.86
CA ILE A 203 3.95 16.16 -1.27
C ILE A 203 2.63 15.70 -0.63
N PRO A 204 1.62 15.30 -1.45
CA PRO A 204 0.38 14.75 -0.89
C PRO A 204 0.66 13.50 -0.07
N THR A 205 0.04 13.36 1.11
CA THR A 205 0.22 12.16 1.90
C THR A 205 -1.11 11.40 1.96
N LYS A 206 -1.01 10.10 2.21
CA LYS A 206 -2.17 9.20 2.14
C LYS A 206 -2.01 8.09 3.15
N SER A 207 -3.13 7.64 3.72
CA SER A 207 -3.07 6.47 4.57
C SER A 207 -4.36 5.72 4.37
N GLY A 208 -4.46 4.55 4.99
CA GLY A 208 -5.63 3.72 4.80
C GLY A 208 -5.78 2.78 5.95
N LEU A 209 -7.00 2.31 6.10
CA LEU A 209 -7.34 1.31 7.09
C LEU A 209 -8.12 0.21 6.40
N MET A 210 -8.01 -0.98 6.97
CA MET A 210 -8.85 -2.09 6.57
C MET A 210 -9.83 -2.29 7.70
N LEU A 211 -11.11 -2.35 7.36
CA LEU A 211 -12.17 -2.55 8.36
C LEU A 211 -12.59 -4.00 8.43
N GLY A 212 -13.01 -4.43 9.60
CA GLY A 212 -13.48 -5.79 9.80
C GLY A 212 -12.60 -6.61 10.71
N LEU A 213 -11.67 -5.98 11.41
CA LEU A 213 -10.72 -6.67 12.30
C LEU A 213 -11.13 -6.52 13.77
N GLY A 214 -12.28 -5.89 13.97
CA GLY A 214 -12.84 -5.76 15.29
C GLY A 214 -12.85 -4.34 15.83
N GLU A 215 -12.34 -3.41 15.03
CA GLU A 215 -12.45 -2.00 15.35
C GLU A 215 -13.94 -1.58 15.36
N THR A 216 -14.22 -0.56 16.17
CA THR A 216 -15.54 0.07 16.25
C THR A 216 -15.52 1.41 15.51
N GLU A 217 -16.69 1.87 15.10
CA GLU A 217 -16.82 3.18 14.50
C GLU A 217 -16.21 4.29 15.36
N ALA A 218 -16.37 4.24 16.68
CA ALA A 218 -15.78 5.27 17.54
C ALA A 218 -14.29 5.34 17.37
N GLU A 219 -13.67 4.18 17.34
CA GLU A 219 -12.22 4.08 17.19
C GLU A 219 -11.81 4.49 15.78
N ILE A 220 -12.59 4.15 14.77
CA ILE A 220 -12.25 4.60 13.40
C ILE A 220 -12.20 6.12 13.31
N ILE A 221 -13.25 6.75 13.82
CA ILE A 221 -13.34 8.20 13.78
C ILE A 221 -12.18 8.87 14.51
N GLU A 222 -11.76 8.32 15.64
CA GLU A 222 -10.62 8.88 16.37
C GLU A 222 -9.37 8.75 15.50
N THR A 223 -9.25 7.62 14.83
CA THR A 223 -8.07 7.39 13.96
C THR A 223 -8.05 8.40 12.79
N LEU A 224 -9.22 8.68 12.22
CA LEU A 224 -9.31 9.69 11.17
C LEU A 224 -8.86 11.04 11.68
N LYS A 225 -9.28 11.39 12.89
CA LYS A 225 -8.83 12.65 13.45
C LYS A 225 -7.31 12.68 13.70
N ASP A 226 -6.75 11.57 14.18
CA ASP A 226 -5.31 11.43 14.35
C ASP A 226 -4.57 11.64 13.03
N LEU A 227 -5.11 11.12 11.94
CA LEU A 227 -4.50 11.30 10.60
C LEU A 227 -4.54 12.73 10.11
N ARG A 228 -5.66 13.40 10.35
CA ARG A 228 -5.74 14.81 9.97
C ARG A 228 -4.82 15.69 10.80
N ARG A 229 -4.53 15.28 12.03
CA ARG A 229 -3.64 16.03 12.91
C ARG A 229 -2.21 16.05 12.37
N VAL A 230 -1.84 15.02 11.60
CA VAL A 230 -0.52 15.00 10.98
C VAL A 230 -0.62 15.39 9.53
N GLY A 231 -1.76 15.97 9.14
CA GLY A 231 -1.87 16.57 7.81
C GLY A 231 -2.01 15.56 6.70
N CYS A 232 -2.52 14.39 7.01
CA CYS A 232 -2.82 13.41 5.96
C CYS A 232 -3.88 13.93 4.99
N ASP A 233 -3.54 14.01 3.69
CA ASP A 233 -4.47 14.51 2.67
C ASP A 233 -5.50 13.49 2.18
N ARG A 234 -5.07 12.23 2.05
CA ARG A 234 -5.87 11.22 1.31
C ARG A 234 -6.13 9.96 2.11
N LEU A 235 -7.26 9.28 1.84
CA LEU A 235 -7.68 8.16 2.67
C LEU A 235 -8.27 7.03 1.86
N THR A 236 -7.89 5.80 2.20
CA THR A 236 -8.65 4.63 1.70
C THR A 236 -9.19 3.80 2.86
N LEU A 237 -10.42 3.33 2.70
CA LEU A 237 -11.07 2.44 3.66
C LEU A 237 -11.61 1.28 2.86
N GLY A 238 -11.21 0.06 3.21
CA GLY A 238 -11.65 -1.13 2.50
C GLY A 238 -11.88 -2.26 3.48
N GLN A 239 -12.52 -3.32 2.99
CA GLN A 239 -12.78 -4.49 3.82
C GLN A 239 -11.59 -5.43 3.92
N TYR A 240 -11.23 -5.77 5.15
CA TYR A 240 -10.32 -6.84 5.43
C TYR A 240 -10.87 -8.18 5.00
N LEU A 241 -10.11 -8.88 4.17
CA LEU A 241 -10.43 -10.24 3.72
C LEU A 241 -9.21 -11.12 3.98
N PRO A 242 -9.33 -12.15 4.82
CA PRO A 242 -8.18 -12.97 5.18
C PRO A 242 -7.60 -13.69 3.99
N PRO A 243 -6.30 -13.55 3.77
CA PRO A 243 -5.71 -14.22 2.61
C PRO A 243 -5.67 -15.74 2.70
N SER A 244 -5.81 -16.28 3.91
CA SER A 244 -5.76 -17.71 4.15
C SER A 244 -6.29 -18.01 5.54
N LEU A 245 -6.50 -19.30 5.81
CA LEU A 245 -7.02 -19.76 7.08
C LEU A 245 -6.08 -19.46 8.22
N SER A 246 -4.80 -19.27 7.90
CA SER A 246 -3.77 -18.97 8.91
C SER A 246 -3.77 -17.51 9.36
N HIS A 247 -4.40 -16.66 8.57
CA HIS A 247 -4.48 -15.25 8.90
C HIS A 247 -5.62 -14.93 9.85
N LEU A 248 -5.67 -13.68 10.30
CA LEU A 248 -6.73 -13.28 11.23
C LEU A 248 -8.10 -13.43 10.60
N PRO A 249 -9.09 -13.84 11.39
CA PRO A 249 -10.45 -13.94 10.88
C PRO A 249 -11.13 -12.60 10.68
N VAL A 250 -12.12 -12.55 9.80
CA VAL A 250 -12.94 -11.36 9.65
C VAL A 250 -13.90 -11.30 10.85
N VAL A 251 -13.91 -10.21 11.57
CA VAL A 251 -14.83 -10.05 12.73
C VAL A 251 -16.19 -9.54 12.24
N LYS A 252 -16.13 -8.68 11.25
CA LYS A 252 -17.27 -7.98 10.73
C LYS A 252 -17.15 -7.66 9.25
N TYR A 253 -18.22 -7.91 8.49
CA TYR A 253 -18.36 -7.39 7.14
C TYR A 253 -19.14 -6.09 7.15
N TRP A 254 -18.43 -5.02 6.86
CA TRP A 254 -18.99 -3.69 6.81
C TRP A 254 -19.81 -3.51 5.54
N THR A 255 -21.03 -3.01 5.69
CA THR A 255 -21.90 -2.88 4.54
C THR A 255 -21.47 -1.73 3.64
N PRO A 256 -21.83 -1.80 2.36
CA PRO A 256 -21.58 -0.68 1.44
C PRO A 256 -22.08 0.64 2.01
N GLU A 257 -23.22 0.59 2.70
CA GLU A 257 -23.76 1.79 3.30
C GLU A 257 -22.87 2.33 4.41
N GLU A 258 -22.34 1.45 5.24
CA GLU A 258 -21.45 1.86 6.30
C GLU A 258 -20.19 2.50 5.70
N PHE A 259 -19.64 1.91 4.65
CA PHE A 259 -18.46 2.50 3.97
C PHE A 259 -18.80 3.88 3.43
N ASN A 260 -20.00 4.04 2.87
CA ASN A 260 -20.41 5.33 2.32
C ASN A 260 -20.45 6.38 3.42
N THR A 261 -21.06 6.02 4.54
CA THR A 261 -21.20 6.89 5.68
C THR A 261 -19.84 7.35 6.21
N LEU A 262 -18.93 6.39 6.41
CA LEU A 262 -17.58 6.71 6.88
C LEU A 262 -16.83 7.54 5.84
N GLY A 263 -17.07 7.25 4.57
CA GLY A 263 -16.46 8.00 3.49
C GLY A 263 -16.78 9.47 3.66
N ASN A 264 -18.06 9.73 3.91
CA ASN A 264 -18.54 11.10 4.06
C ASN A 264 -18.05 11.79 5.32
N ILE A 265 -17.95 11.05 6.43
CA ILE A 265 -17.34 11.58 7.63
C ILE A 265 -15.92 12.03 7.34
N ALA A 266 -15.17 11.18 6.64
CA ALA A 266 -13.78 11.52 6.27
C ALA A 266 -13.72 12.82 5.44
N ARG A 267 -14.63 12.96 4.47
CA ARG A 267 -14.67 14.18 3.66
C ARG A 267 -14.96 15.41 4.53
N GLU A 268 -15.93 15.29 5.42
CA GLU A 268 -16.21 16.37 6.35
C GLU A 268 -14.99 16.75 7.20
N LEU A 269 -14.20 15.76 7.58
CA LEU A 269 -12.99 16.04 8.37
C LEU A 269 -11.84 16.65 7.55
N GLY A 270 -12.02 16.81 6.25
CA GLY A 270 -11.07 17.54 5.45
C GLY A 270 -10.10 16.73 4.60
N PHE A 271 -10.25 15.41 4.55
CA PHE A 271 -9.48 14.64 3.55
C PHE A 271 -9.93 15.10 2.17
N SER A 272 -8.97 15.37 1.29
CA SER A 272 -9.30 15.90 -0.04
C SER A 272 -9.51 14.83 -1.07
N HIS A 273 -9.13 13.59 -0.75
CA HIS A 273 -9.42 12.45 -1.61
C HIS A 273 -9.69 11.23 -0.74
N VAL A 274 -10.88 10.65 -0.91
CA VAL A 274 -11.32 9.54 -0.12
C VAL A 274 -11.90 8.47 -1.02
N ARG A 275 -11.44 7.24 -0.83
CA ARG A 275 -12.07 6.06 -1.43
C ARG A 275 -12.47 5.14 -0.27
N SER A 276 -13.76 4.80 -0.19
CA SER A 276 -14.30 3.99 0.86
C SER A 276 -15.25 2.98 0.28
N GLY A 277 -14.95 1.70 0.44
CA GLY A 277 -15.81 0.65 -0.09
C GLY A 277 -15.24 -0.73 0.14
N PRO A 278 -16.06 -1.78 -0.04
CA PRO A 278 -15.58 -3.10 0.39
C PRO A 278 -14.31 -3.55 -0.37
N LEU A 279 -14.23 -3.32 -1.67
CA LEU A 279 -13.08 -3.81 -2.42
C LEU A 279 -12.03 -2.76 -2.61
N VAL A 280 -12.18 -1.59 -1.98
CA VAL A 280 -11.10 -0.57 -2.01
C VAL A 280 -9.81 -1.10 -1.41
N ARG A 281 -8.69 -0.78 -2.06
CA ARG A 281 -7.34 -1.11 -1.57
C ARG A 281 -6.50 0.15 -1.65
N SER A 282 -5.32 0.17 -1.01
CA SER A 282 -4.46 1.36 -0.99
C SER A 282 -4.21 2.02 -2.35
N SER A 283 -4.07 1.21 -3.39
CA SER A 283 -3.72 1.66 -4.72
C SER A 283 -4.91 1.86 -5.65
N TYR A 284 -6.10 1.56 -5.13
CA TYR A 284 -7.30 1.57 -5.96
C TYR A 284 -7.67 3.00 -6.30
N HIS A 285 -7.72 3.29 -7.58
CA HIS A 285 -8.04 4.63 -8.10
C HIS A 285 -7.04 5.67 -7.60
N ALA A 286 -5.81 5.23 -7.38
CA ALA A 286 -4.81 6.11 -6.79
C ALA A 286 -4.53 7.28 -7.72
N ALA A 287 -4.69 7.05 -9.02
CA ALA A 287 -4.39 8.08 -10.02
C ALA A 287 -5.44 9.18 -10.00
N GLU A 288 -6.60 8.86 -9.41
CA GLU A 288 -7.69 9.79 -9.11
C GLU A 288 -8.60 10.01 -10.32
FE1 SF4 B . 4.78 -5.39 5.36
FE2 SF4 B . 3.31 -7.61 4.74
FE3 SF4 B . 4.06 -7.13 7.27
FE4 SF4 B . 5.90 -7.90 5.48
S1 SF4 B . 4.15 -9.00 6.14
S2 SF4 B . 6.00 -6.24 6.91
S3 SF4 B . 5.07 -6.89 3.74
S4 SF4 B . 2.77 -5.97 6.06
FE1 SF4 C . -5.50 -2.10 -8.44
FE2 SF4 C . -3.30 -3.75 -8.22
FE3 SF4 C . -5.52 -4.26 -6.78
FE4 SF4 C . -4.07 -2.01 -6.20
S1 SF4 C . -3.43 -4.10 -6.01
S2 SF4 C . -6.27 -2.22 -6.29
S3 SF4 C . -3.35 -1.52 -8.28
S4 SF4 C . -5.31 -4.26 -9.03
N SAH D . 4.06 -4.77 4.52
CA SAH D . 4.40 -3.42 4.04
CB SAH D . 3.17 -2.55 3.71
CG SAH D . 2.90 -2.43 2.27
SD SAH D . 1.83 -3.80 1.86
C SAH D . 5.08 -2.83 5.20
O SAH D . 4.62 -1.83 5.76
OXT SAH D . 6.03 -3.45 5.61
C5' SAH D . 2.96 -4.79 0.87
HA SAH D . 4.99 -3.46 3.28
HB1 SAH D . 2.39 -2.94 4.13
HB2 SAH D . 3.32 -1.66 4.06
HG1 SAH D . 2.44 -1.60 2.08
HG2 SAH D . 3.73 -2.50 1.76
H5'1 SAH D . 2.51 -5.59 0.57
H5'2 SAH D . 3.25 -4.26 0.10
NA NA E . -2.37 -2.03 -3.16
#